data_3GGM
#
_entry.id   3GGM
#
_cell.length_a   45.679
_cell.length_b   79.490
_cell.length_c   55.788
_cell.angle_alpha   90.00
_cell.angle_beta   109.63
_cell.angle_gamma   90.00
#
_symmetry.space_group_name_H-M   'P 1 21 1'
#
loop_
_entity.id
_entity.type
_entity.pdbx_description
1 polymer 'uncharacterized protein BT9727_2919'
2 water water
#
_entity_poly.entity_id   1
_entity_poly.type   'polypeptide(L)'
_entity_poly.pdbx_seq_one_letter_code
;MNVPDMILYNGKITTLDPSQPEVSAIAITDGLITAVGGDELLNSATEKTKKIDLKRKRAIPGLNDSHIHVIRGLEHHHHH
H
;
_entity_poly.pdbx_strand_id   A,B,C,D
#
# COMPACT_ATOMS: atom_id res chain seq x y z
N MET A 1 11.05 -14.07 -31.21
CA MET A 1 9.67 -13.55 -30.94
C MET A 1 9.52 -13.29 -29.45
N ASN A 2 8.88 -12.17 -29.11
CA ASN A 2 8.67 -11.78 -27.71
C ASN A 2 7.38 -12.34 -27.13
N VAL A 3 7.49 -13.26 -26.19
CA VAL A 3 6.33 -13.87 -25.55
C VAL A 3 6.34 -13.56 -24.06
N PRO A 4 5.25 -12.99 -23.53
CA PRO A 4 5.18 -12.68 -22.10
C PRO A 4 5.00 -13.92 -21.23
N ASP A 5 5.48 -13.87 -19.99
CA ASP A 5 5.32 -15.01 -19.10
C ASP A 5 3.96 -14.95 -18.42
N MET A 6 3.46 -13.74 -18.23
CA MET A 6 2.17 -13.54 -17.57
C MET A 6 1.38 -12.41 -18.21
N ILE A 7 0.06 -12.56 -18.24
CA ILE A 7 -0.83 -11.55 -18.78
C ILE A 7 -2.06 -11.44 -17.88
N LEU A 8 -2.21 -10.30 -17.22
CA LEU A 8 -3.37 -10.08 -16.37
C LEU A 8 -4.28 -9.20 -17.20
N TYR A 9 -5.53 -9.62 -17.38
CA TYR A 9 -6.47 -8.83 -18.19
C TYR A 9 -7.85 -8.70 -17.55
N ASN A 10 -8.70 -7.91 -18.20
CA ASN A 10 -10.06 -7.64 -17.76
C ASN A 10 -10.12 -7.05 -16.34
N GLY A 11 -9.23 -6.10 -16.08
CA GLY A 11 -9.18 -5.46 -14.78
C GLY A 11 -9.06 -3.95 -14.89
N LYS A 12 -8.67 -3.31 -13.80
CA LYS A 12 -8.50 -1.87 -13.76
C LYS A 12 -7.07 -1.69 -13.28
N ILE A 13 -6.22 -1.14 -14.15
CA ILE A 13 -4.81 -0.97 -13.83
C ILE A 13 -4.32 0.46 -14.08
N THR A 14 -3.91 1.13 -13.01
CA THR A 14 -3.40 2.49 -13.12
C THR A 14 -1.95 2.52 -13.58
N THR A 15 -1.65 3.40 -14.53
CA THR A 15 -0.28 3.55 -15.01
C THR A 15 0.07 5.03 -14.91
N LEU A 16 1.35 5.35 -14.90
CA LEU A 16 1.76 6.74 -14.82
C LEU A 16 2.06 7.31 -16.18
N ASP A 17 1.45 6.73 -17.22
CA ASP A 17 1.60 7.21 -18.58
C ASP A 17 0.48 8.23 -18.78
N PRO A 18 0.82 9.52 -18.93
CA PRO A 18 -0.19 10.56 -19.11
C PRO A 18 -1.17 10.28 -20.23
N SER A 19 -0.70 9.62 -21.28
CA SER A 19 -1.54 9.31 -22.44
C SER A 19 -2.42 8.08 -22.26
N GLN A 20 -2.18 7.33 -21.19
CA GLN A 20 -2.97 6.12 -20.96
C GLN A 20 -2.87 5.76 -19.48
N PRO A 21 -3.50 6.57 -18.61
CA PRO A 21 -3.50 6.39 -17.15
C PRO A 21 -4.26 5.19 -16.61
N GLU A 22 -5.08 4.56 -17.45
CA GLU A 22 -5.85 3.40 -17.02
C GLU A 22 -5.97 2.39 -18.15
N VAL A 23 -5.58 1.14 -17.88
CA VAL A 23 -5.68 0.08 -18.88
C VAL A 23 -6.38 -1.09 -18.20
N SER A 24 -6.80 -2.08 -18.98
CA SER A 24 -7.49 -3.23 -18.39
C SER A 24 -6.62 -4.49 -18.42
N ALA A 25 -5.47 -4.39 -19.06
CA ALA A 25 -4.60 -5.56 -19.15
C ALA A 25 -3.13 -5.18 -19.17
N ILE A 26 -2.30 -6.04 -18.60
CA ILE A 26 -0.88 -5.80 -18.57
C ILE A 26 -0.13 -7.10 -18.87
N ALA A 27 1.01 -6.99 -19.54
CA ALA A 27 1.82 -8.17 -19.88
C ALA A 27 3.16 -8.04 -19.17
N ILE A 28 3.61 -9.15 -18.61
CA ILE A 28 4.87 -9.21 -17.87
C ILE A 28 5.78 -10.28 -18.44
N THR A 29 7.02 -9.91 -18.71
CA THR A 29 8.01 -10.84 -19.25
C THR A 29 9.21 -10.79 -18.31
N ASP A 30 9.51 -11.94 -17.70
CA ASP A 30 10.57 -12.06 -16.71
C ASP A 30 10.40 -10.71 -16.01
N GLY A 31 9.74 -10.71 -14.87
CA GLY A 31 9.56 -9.48 -14.13
C GLY A 31 9.38 -8.01 -14.44
N LEU A 32 9.36 -7.71 -15.74
CA LEU A 32 9.21 -6.34 -16.21
C LEU A 32 7.98 -6.21 -17.11
N ILE A 33 7.31 -5.07 -17.06
CA ILE A 33 6.13 -4.86 -17.89
C ILE A 33 6.56 -4.74 -19.34
N THR A 34 5.97 -5.58 -20.20
CA THR A 34 6.30 -5.63 -21.63
C THR A 34 5.29 -4.88 -22.48
N ALA A 35 4.07 -4.76 -21.98
CA ALA A 35 3.01 -4.07 -22.71
C ALA A 35 1.79 -3.86 -21.83
N VAL A 36 0.97 -2.88 -22.21
CA VAL A 36 -0.26 -2.57 -21.50
C VAL A 36 -1.31 -2.25 -22.54
N GLY A 37 -2.58 -2.41 -22.18
CA GLY A 37 -3.66 -2.14 -23.11
C GLY A 37 -4.92 -2.89 -22.73
N GLY A 38 -5.56 -3.52 -23.71
CA GLY A 38 -6.78 -4.26 -23.47
C GLY A 38 -6.60 -5.74 -23.72
N ASP A 39 -7.69 -6.45 -23.94
CA ASP A 39 -7.58 -7.89 -24.18
C ASP A 39 -6.83 -8.25 -25.48
N GLU A 40 -6.46 -7.27 -26.31
CA GLU A 40 -5.73 -7.62 -27.53
C GLU A 40 -4.36 -8.19 -27.13
N LEU A 41 -3.90 -7.87 -25.92
CA LEU A 41 -2.64 -8.38 -25.42
C LEU A 41 -2.63 -9.91 -25.41
N LEU A 42 -3.80 -10.51 -25.28
CA LEU A 42 -3.88 -11.97 -25.25
C LEU A 42 -3.45 -12.60 -26.59
N ASN A 43 -3.42 -11.80 -27.65
CA ASN A 43 -3.00 -12.32 -28.95
C ASN A 43 -1.50 -12.61 -28.98
N SER A 44 -0.77 -12.00 -28.05
CA SER A 44 0.68 -12.18 -27.98
C SER A 44 1.05 -13.40 -27.13
N ALA A 45 0.08 -13.93 -26.40
CA ALA A 45 0.30 -15.07 -25.54
C ALA A 45 0.49 -16.39 -26.30
N THR A 46 1.13 -17.35 -25.62
CA THR A 46 1.35 -18.69 -26.17
C THR A 46 1.16 -19.67 -25.01
N GLU A 47 1.13 -20.96 -25.32
CA GLU A 47 0.94 -22.00 -24.33
C GLU A 47 1.64 -21.74 -22.99
N LYS A 48 2.84 -21.17 -23.05
CA LYS A 48 3.61 -20.89 -21.85
C LYS A 48 3.18 -19.68 -21.01
N THR A 49 2.55 -18.71 -21.66
CA THR A 49 2.14 -17.51 -20.95
C THR A 49 1.02 -17.74 -19.95
N LYS A 50 1.26 -17.38 -18.70
CA LYS A 50 0.23 -17.51 -17.66
C LYS A 50 -0.73 -16.34 -17.85
N LYS A 51 -2.03 -16.61 -17.82
CA LYS A 51 -3.00 -15.54 -17.99
C LYS A 51 -3.95 -15.50 -16.81
N ILE A 52 -4.20 -14.31 -16.30
CA ILE A 52 -5.08 -14.13 -15.16
C ILE A 52 -6.22 -13.17 -15.45
N ASP A 53 -7.43 -13.69 -15.42
CA ASP A 53 -8.62 -12.89 -15.64
C ASP A 53 -8.90 -12.19 -14.31
N LEU A 54 -8.62 -10.89 -14.25
CA LEU A 54 -8.81 -10.10 -13.04
C LEU A 54 -10.28 -9.91 -12.63
N LYS A 55 -11.20 -10.32 -13.48
CA LYS A 55 -12.63 -10.19 -13.19
C LYS A 55 -13.00 -8.82 -12.65
N ARG A 56 -12.47 -7.79 -13.31
CA ARG A 56 -12.68 -6.38 -13.00
C ARG A 56 -12.14 -5.88 -11.67
N LYS A 57 -11.26 -6.65 -11.05
CA LYS A 57 -10.62 -6.22 -9.81
C LYS A 57 -9.56 -5.21 -10.23
N ARG A 58 -9.16 -4.35 -9.31
CA ARG A 58 -8.12 -3.39 -9.58
C ARG A 58 -6.81 -4.10 -9.32
N ALA A 59 -5.85 -3.97 -10.24
CA ALA A 59 -4.55 -4.61 -10.06
C ALA A 59 -3.54 -3.56 -9.61
N ILE A 60 -2.80 -3.85 -8.55
CA ILE A 60 -1.81 -2.91 -8.03
C ILE A 60 -0.46 -3.62 -7.78
N PRO A 61 0.66 -2.96 -8.12
CA PRO A 61 1.94 -3.63 -7.89
C PRO A 61 2.14 -3.86 -6.38
N GLY A 62 2.64 -5.04 -6.01
CA GLY A 62 2.87 -5.30 -4.59
C GLY A 62 4.07 -4.50 -4.10
N LEU A 63 4.15 -4.28 -2.79
CA LEU A 63 5.28 -3.53 -2.22
C LEU A 63 6.53 -4.28 -2.65
N ASN A 64 7.46 -3.54 -3.23
CA ASN A 64 8.69 -4.11 -3.74
C ASN A 64 9.90 -3.26 -3.34
N ASP A 65 10.40 -3.47 -2.13
CA ASP A 65 11.54 -2.73 -1.64
C ASP A 65 12.31 -3.57 -0.63
N SER A 66 13.63 -3.43 -0.66
CA SER A 66 14.51 -4.19 0.23
C SER A 66 14.31 -3.89 1.72
N HIS A 67 13.64 -2.79 2.04
CA HIS A 67 13.43 -2.42 3.43
C HIS A 67 12.03 -2.78 3.93
N ILE A 68 11.21 -3.34 3.05
CA ILE A 68 9.85 -3.69 3.41
C ILE A 68 9.60 -5.19 3.27
N HIS A 69 8.88 -5.76 4.23
CA HIS A 69 8.53 -7.16 4.17
C HIS A 69 7.01 -7.21 4.17
N VAL A 70 6.42 -7.77 3.12
CA VAL A 70 4.97 -7.87 3.05
C VAL A 70 4.60 -9.16 3.79
N ILE A 71 3.78 -9.04 4.83
CA ILE A 71 3.38 -10.23 5.60
C ILE A 71 2.33 -11.01 4.82
N ARG A 72 2.71 -12.22 4.40
CA ARG A 72 1.82 -13.08 3.61
C ARG A 72 1.03 -14.12 4.41
N GLY A 73 -0.09 -14.55 3.85
CA GLY A 73 -0.89 -15.57 4.49
C GLY A 73 -1.82 -15.24 5.63
N LEU A 74 -2.13 -13.97 5.86
CA LEU A 74 -3.04 -13.63 6.95
C LEU A 74 -4.48 -13.68 6.44
N GLU A 75 -5.36 -14.28 7.23
CA GLU A 75 -6.77 -14.36 6.83
C GLU A 75 -7.59 -13.36 7.64
N MET B 1 -8.03 19.31 26.89
CA MET B 1 -6.82 18.63 27.42
C MET B 1 -6.12 17.87 26.27
N ASN B 2 -6.63 16.69 25.94
CA ASN B 2 -6.10 15.89 24.84
C ASN B 2 -7.29 15.25 24.14
N VAL B 3 -7.62 15.77 22.97
CA VAL B 3 -8.77 15.30 22.20
C VAL B 3 -8.34 14.73 20.83
N PRO B 4 -9.15 13.80 20.28
CA PRO B 4 -8.77 13.23 18.98
C PRO B 4 -8.77 14.24 17.85
N ASP B 5 -7.77 14.14 16.97
CA ASP B 5 -7.67 15.03 15.81
C ASP B 5 -8.57 14.52 14.70
N MET B 6 -8.78 13.21 14.65
CA MET B 6 -9.60 12.60 13.62
C MET B 6 -10.26 11.31 14.08
N ILE B 7 -11.46 11.06 13.57
CA ILE B 7 -12.18 9.84 13.90
C ILE B 7 -12.83 9.21 12.67
N LEU B 8 -12.35 8.04 12.29
CA LEU B 8 -12.91 7.33 11.15
C LEU B 8 -13.83 6.28 11.77
N TYR B 9 -15.04 6.15 11.24
CA TYR B 9 -15.97 5.18 11.81
C TYR B 9 -16.82 4.49 10.76
N ASN B 10 -17.60 3.51 11.20
CA ASN B 10 -18.47 2.76 10.32
C ASN B 10 -17.73 2.15 9.12
N GLY B 11 -16.60 1.53 9.39
CA GLY B 11 -15.82 0.90 8.33
C GLY B 11 -15.35 -0.48 8.74
N LYS B 12 -14.41 -1.03 7.98
CA LYS B 12 -13.83 -2.34 8.28
C LYS B 12 -12.36 -2.07 8.55
N ILE B 13 -11.95 -2.23 9.80
CA ILE B 13 -10.58 -1.95 10.18
C ILE B 13 -9.90 -3.11 10.90
N THR B 14 -8.87 -3.64 10.26
CA THR B 14 -8.09 -4.73 10.83
C THR B 14 -7.00 -4.19 11.73
N THR B 15 -6.90 -4.73 12.93
CA THR B 15 -5.87 -4.33 13.88
C THR B 15 -5.10 -5.59 14.21
N LEU B 16 -3.84 -5.41 14.58
CA LEU B 16 -3.01 -6.54 14.95
C LEU B 16 -3.07 -6.73 16.45
N ASP B 17 -4.27 -6.57 17.01
CA ASP B 17 -4.48 -6.80 18.43
C ASP B 17 -5.23 -8.12 18.46
N PRO B 18 -4.57 -9.20 18.88
CA PRO B 18 -5.19 -10.53 18.94
C PRO B 18 -6.55 -10.55 19.63
N SER B 19 -6.73 -9.72 20.65
CA SER B 19 -7.99 -9.66 21.39
C SER B 19 -9.11 -8.90 20.69
N GLN B 20 -8.75 -8.10 19.69
CA GLN B 20 -9.73 -7.31 18.95
C GLN B 20 -9.15 -7.00 17.57
N PRO B 21 -9.04 -8.03 16.72
CA PRO B 21 -8.50 -7.97 15.36
C PRO B 21 -9.29 -7.12 14.37
N GLU B 22 -10.58 -6.93 14.64
CA GLU B 22 -11.42 -6.15 13.73
C GLU B 22 -12.30 -5.15 14.47
N VAL B 23 -12.30 -3.90 14.00
CA VAL B 23 -13.12 -2.86 14.60
C VAL B 23 -13.72 -2.05 13.47
N SER B 24 -14.61 -1.11 13.80
CA SER B 24 -15.23 -0.29 12.75
C SER B 24 -14.86 1.16 12.89
N ALA B 25 -14.18 1.52 13.97
CA ALA B 25 -13.80 2.91 14.20
C ALA B 25 -12.46 3.03 14.89
N ILE B 26 -11.80 4.16 14.67
CA ILE B 26 -10.49 4.42 15.26
C ILE B 26 -10.36 5.92 15.52
N ALA B 27 -9.63 6.27 16.57
CA ALA B 27 -9.41 7.66 16.94
C ALA B 27 -7.91 7.99 16.82
N ILE B 28 -7.60 9.08 16.12
CA ILE B 28 -6.22 9.48 15.93
C ILE B 28 -5.93 10.81 16.64
N THR B 29 -4.95 10.80 17.52
CA THR B 29 -4.58 12.01 18.23
C THR B 29 -3.12 12.35 17.97
N ASP B 30 -2.89 13.49 17.35
CA ASP B 30 -1.53 13.92 17.05
C ASP B 30 -0.70 12.78 16.43
N GLY B 31 -1.22 12.20 15.36
CA GLY B 31 -0.52 11.13 14.67
C GLY B 31 -0.53 9.76 15.31
N LEU B 32 -1.13 9.63 16.49
CA LEU B 32 -1.17 8.34 17.17
C LEU B 32 -2.56 7.78 17.36
N ILE B 33 -2.68 6.47 17.25
CA ILE B 33 -3.97 5.81 17.44
C ILE B 33 -4.25 5.91 18.94
N THR B 34 -5.37 6.54 19.28
CA THR B 34 -5.72 6.71 20.68
C THR B 34 -6.74 5.71 21.17
N ALA B 35 -7.63 5.30 20.27
CA ALA B 35 -8.65 4.33 20.62
C ALA B 35 -9.18 3.63 19.38
N VAL B 36 -9.74 2.45 19.58
CA VAL B 36 -10.31 1.66 18.50
C VAL B 36 -11.62 1.10 19.05
N GLY B 37 -12.57 0.83 18.17
CA GLY B 37 -13.85 0.32 18.62
C GLY B 37 -14.98 0.61 17.66
N GLY B 38 -16.14 0.97 18.20
CA GLY B 38 -17.31 1.25 17.38
C GLY B 38 -17.75 2.71 17.35
N ASP B 39 -19.01 2.93 16.99
CA ASP B 39 -19.57 4.27 16.91
C ASP B 39 -19.41 5.08 18.21
N GLU B 40 -19.24 4.38 19.33
CA GLU B 40 -19.08 5.05 20.61
C GLU B 40 -17.87 5.97 20.66
N LEU B 41 -16.95 5.79 19.71
CA LEU B 41 -15.75 6.63 19.67
C LEU B 41 -16.09 8.09 19.31
N LEU B 42 -17.21 8.29 18.63
CA LEU B 42 -17.61 9.63 18.25
C LEU B 42 -17.84 10.53 19.49
N ASN B 43 -18.19 9.91 20.61
CA ASN B 43 -18.45 10.67 21.85
C ASN B 43 -17.20 11.39 22.37
N SER B 44 -16.03 11.02 21.87
CA SER B 44 -14.78 11.66 22.30
C SER B 44 -14.42 12.85 21.43
N ALA B 45 -15.23 13.10 20.41
CA ALA B 45 -14.96 14.20 19.48
C ALA B 45 -15.49 15.55 19.93
N THR B 46 -14.72 16.60 19.66
CA THR B 46 -15.13 17.96 19.97
C THR B 46 -15.54 18.47 18.60
N GLU B 47 -15.62 19.78 18.44
CA GLU B 47 -16.00 20.34 17.15
C GLU B 47 -14.82 20.44 16.19
N LYS B 48 -13.61 20.47 16.73
CA LYS B 48 -12.41 20.56 15.92
C LYS B 48 -11.96 19.21 15.35
N THR B 49 -12.39 18.13 16.00
CA THR B 49 -12.02 16.80 15.54
C THR B 49 -12.62 16.50 14.16
N LYS B 50 -11.77 16.13 13.21
CA LYS B 50 -12.25 15.78 11.88
C LYS B 50 -12.86 14.39 11.93
N LYS B 51 -14.06 14.23 11.38
CA LYS B 51 -14.73 12.94 11.37
C LYS B 51 -15.04 12.46 9.97
N ILE B 52 -14.92 11.14 9.75
CA ILE B 52 -15.18 10.58 8.44
C ILE B 52 -15.94 9.26 8.48
N ASP B 53 -17.06 9.21 7.75
CA ASP B 53 -17.87 8.01 7.68
C ASP B 53 -17.25 7.16 6.58
N LEU B 54 -16.70 6.01 6.94
CA LEU B 54 -16.07 5.13 5.97
C LEU B 54 -17.09 4.46 5.05
N LYS B 55 -18.36 4.58 5.42
CA LYS B 55 -19.44 4.01 4.63
C LYS B 55 -19.19 2.53 4.32
N ARG B 56 -18.70 1.81 5.33
CA ARG B 56 -18.41 0.39 5.23
C ARG B 56 -17.13 0.04 4.48
N LYS B 57 -16.36 1.05 4.08
CA LYS B 57 -15.11 0.78 3.37
C LYS B 57 -14.11 0.11 4.30
N ARG B 58 -13.10 -0.52 3.71
CA ARG B 58 -12.05 -1.15 4.49
C ARG B 58 -11.01 -0.06 4.70
N ALA B 59 -10.57 0.13 5.94
CA ALA B 59 -9.58 1.16 6.22
C ALA B 59 -8.23 0.52 6.53
N ILE B 60 -7.20 1.02 5.82
CA ILE B 60 -5.85 0.50 5.99
C ILE B 60 -4.87 1.62 6.27
N PRO B 61 -3.94 1.40 7.19
CA PRO B 61 -2.98 2.46 7.49
C PRO B 61 -2.12 2.77 6.26
N GLY B 62 -1.78 4.03 6.06
CA GLY B 62 -0.98 4.40 4.91
C GLY B 62 0.45 3.89 5.02
N LEU B 63 1.07 3.63 3.89
CA LEU B 63 2.46 3.16 3.89
C LEU B 63 3.31 4.28 4.49
N ASN B 64 3.92 4.01 5.64
CA ASN B 64 4.76 5.00 6.31
C ASN B 64 6.18 4.52 6.52
N ASP B 65 7.03 4.72 5.52
CA ASP B 65 8.42 4.30 5.62
C ASP B 65 9.35 5.35 5.01
N SER B 66 10.46 5.60 5.69
CA SER B 66 11.43 6.59 5.24
C SER B 66 12.08 6.29 3.89
N HIS B 67 11.99 5.05 3.43
CA HIS B 67 12.60 4.71 2.16
C HIS B 67 11.63 4.83 1.00
N ILE B 68 10.37 5.12 1.30
CA ILE B 68 9.36 5.24 0.24
C ILE B 68 8.49 6.47 0.33
N HIS B 69 8.29 7.12 -0.81
CA HIS B 69 7.42 8.29 -0.86
C HIS B 69 6.11 7.89 -1.53
N VAL B 70 5.01 8.02 -0.79
CA VAL B 70 3.70 7.71 -1.32
C VAL B 70 3.18 8.96 -2.03
N ILE B 71 3.01 8.88 -3.34
CA ILE B 71 2.54 10.04 -4.11
C ILE B 71 1.08 10.34 -3.77
N ARG B 72 0.84 11.53 -3.23
CA ARG B 72 -0.50 11.96 -2.85
C ARG B 72 -1.12 12.87 -3.92
N GLY B 73 -2.45 13.00 -3.87
CA GLY B 73 -3.14 13.85 -4.83
C GLY B 73 -3.38 13.22 -6.18
N LEU B 74 -3.23 11.89 -6.26
CA LEU B 74 -3.42 11.15 -7.50
C LEU B 74 -2.20 11.19 -8.43
N MET C 1 -2.62 -25.38 25.31
CA MET C 1 -1.57 -24.34 25.08
C MET C 1 -1.33 -24.18 23.58
N ASN C 2 -1.36 -22.93 23.12
CA ASN C 2 -1.17 -22.67 21.70
C ASN C 2 0.28 -22.46 21.30
N VAL C 3 0.67 -23.11 20.21
CA VAL C 3 2.03 -22.96 19.67
C VAL C 3 1.80 -22.40 18.28
N PRO C 4 2.40 -21.25 17.98
CA PRO C 4 2.19 -20.69 16.64
C PRO C 4 2.89 -21.48 15.54
N ASP C 5 2.33 -21.40 14.34
CA ASP C 5 2.90 -22.06 13.18
C ASP C 5 4.10 -21.24 12.74
N MET C 6 3.99 -19.92 12.92
CA MET C 6 5.06 -19.03 12.44
C MET C 6 5.24 -17.81 13.31
N ILE C 7 6.49 -17.35 13.41
CA ILE C 7 6.81 -16.14 14.15
C ILE C 7 7.74 -15.27 13.32
N LEU C 8 7.30 -14.05 13.05
CA LEU C 8 8.13 -13.12 12.29
C LEU C 8 8.68 -12.20 13.37
N TYR C 9 10.00 -12.13 13.49
CA TYR C 9 10.62 -11.32 14.53
C TYR C 9 11.71 -10.38 14.06
N ASN C 10 12.15 -9.51 14.97
CA ASN C 10 13.19 -8.52 14.69
C ASN C 10 12.81 -7.58 13.52
N GLY C 11 11.58 -7.08 13.56
CA GLY C 11 11.12 -6.17 12.51
C GLY C 11 10.49 -4.92 13.09
N LYS C 12 9.82 -4.14 12.24
CA LYS C 12 9.14 -2.92 12.66
C LYS C 12 7.71 -3.12 12.18
N ILE C 13 6.79 -3.22 13.12
CA ILE C 13 5.40 -3.50 12.80
C ILE C 13 4.39 -2.59 13.51
N THR C 14 3.53 -1.95 12.74
CA THR C 14 2.48 -1.08 13.28
C THR C 14 1.28 -1.98 13.60
N THR C 15 0.60 -1.74 14.71
CA THR C 15 -0.52 -2.61 15.11
C THR C 15 -1.95 -2.06 15.21
N LEU C 16 -2.06 -0.76 15.43
CA LEU C 16 -3.33 -0.07 15.63
C LEU C 16 -3.85 -0.41 17.03
N ASP C 17 -2.96 -0.90 17.89
CA ASP C 17 -3.28 -1.22 19.27
C ASP C 17 -2.70 -0.08 20.10
N PRO C 18 -3.56 0.80 20.63
CA PRO C 18 -3.10 1.94 21.44
C PRO C 18 -2.09 1.59 22.55
N SER C 19 -2.18 0.36 23.06
CA SER C 19 -1.28 -0.08 24.13
C SER C 19 0.16 -0.26 23.64
N GLN C 20 0.30 -0.66 22.38
CA GLN C 20 1.60 -0.88 21.78
C GLN C 20 1.49 -0.67 20.28
N PRO C 21 1.58 0.60 19.84
CA PRO C 21 1.49 1.01 18.44
C PRO C 21 2.56 0.41 17.54
N GLU C 22 3.71 0.07 18.09
CA GLU C 22 4.76 -0.57 17.29
C GLU C 22 5.36 -1.74 18.05
N VAL C 23 5.58 -2.85 17.35
CA VAL C 23 6.18 -4.04 17.94
C VAL C 23 7.21 -4.54 16.93
N SER C 24 8.00 -5.53 17.33
CA SER C 24 9.04 -6.07 16.46
C SER C 24 8.78 -7.52 16.04
N ALA C 25 7.74 -8.12 16.63
CA ALA C 25 7.42 -9.51 16.33
C ALA C 25 5.94 -9.79 16.32
N ILE C 26 5.57 -10.80 15.56
CA ILE C 26 4.20 -11.19 15.45
C ILE C 26 4.17 -12.73 15.34
N ALA C 27 3.13 -13.34 15.89
CA ALA C 27 2.97 -14.80 15.83
C ALA C 27 1.74 -15.11 15.00
N ILE C 28 1.85 -16.12 14.14
CA ILE C 28 0.76 -16.51 13.26
C ILE C 28 0.34 -17.96 13.51
N THR C 29 -0.95 -18.20 13.68
CA THR C 29 -1.45 -19.54 13.90
C THR C 29 -2.68 -19.75 13.01
N ASP C 30 -2.62 -20.76 12.15
CA ASP C 30 -3.71 -21.08 11.24
C ASP C 30 -4.21 -19.85 10.48
N GLY C 31 -3.26 -19.06 9.97
CA GLY C 31 -3.60 -17.87 9.23
C GLY C 31 -3.99 -16.65 10.03
N LEU C 32 -4.05 -16.78 11.36
CA LEU C 32 -4.44 -15.66 12.22
C LEU C 32 -3.32 -15.14 13.14
N ILE C 33 -3.29 -13.84 13.37
CA ILE C 33 -2.28 -13.27 14.27
C ILE C 33 -2.74 -13.64 15.69
N THR C 34 -1.96 -14.45 16.38
CA THR C 34 -2.35 -14.87 17.73
C THR C 34 -1.54 -14.18 18.81
N ALA C 35 -0.52 -13.43 18.42
CA ALA C 35 0.30 -12.71 19.37
C ALA C 35 1.11 -11.60 18.72
N VAL C 36 1.36 -10.55 19.47
CA VAL C 36 2.13 -9.41 19.00
C VAL C 36 3.02 -8.93 20.15
N GLY C 37 4.23 -8.49 19.80
CA GLY C 37 5.14 -8.02 20.83
C GLY C 37 6.59 -8.04 20.41
N GLY C 38 7.45 -8.45 21.34
CA GLY C 38 8.88 -8.48 21.06
C GLY C 38 9.44 -9.89 21.01
N ASP C 39 10.75 -10.00 21.25
CA ASP C 39 11.41 -11.30 21.23
C ASP C 39 10.81 -12.34 22.16
N GLU C 40 10.07 -11.91 23.17
CA GLU C 40 9.48 -12.86 24.12
C GLU C 40 8.52 -13.84 23.43
N LEU C 41 8.03 -13.47 22.26
CA LEU C 41 7.13 -14.34 21.51
C LEU C 41 7.84 -15.63 21.15
N LEU C 42 9.15 -15.54 20.91
CA LEU C 42 9.91 -16.72 20.54
C LEU C 42 9.87 -17.81 21.63
N ASN C 43 9.57 -17.42 22.86
CA ASN C 43 9.49 -18.40 23.94
C ASN C 43 8.30 -19.35 23.74
N SER C 44 7.33 -18.94 22.94
CA SER C 44 6.14 -19.76 22.70
C SER C 44 6.32 -20.79 21.58
N ALA C 45 7.46 -20.71 20.91
CA ALA C 45 7.75 -21.62 19.81
C ALA C 45 8.23 -23.00 20.25
N THR C 46 8.05 -23.98 19.37
CA THR C 46 8.52 -25.35 19.57
C THR C 46 9.27 -25.61 18.26
N GLU C 47 9.92 -26.77 18.16
CA GLU C 47 10.67 -27.11 16.95
C GLU C 47 9.82 -27.00 15.69
N LYS C 48 8.51 -27.13 15.84
CA LYS C 48 7.61 -27.08 14.70
C LYS C 48 7.27 -25.67 14.23
N THR C 49 7.62 -24.67 15.03
CA THR C 49 7.35 -23.29 14.70
C THR C 49 8.38 -22.75 13.71
N LYS C 50 7.92 -22.13 12.63
CA LYS C 50 8.83 -21.54 11.66
C LYS C 50 9.13 -20.12 12.13
N LYS C 51 10.41 -19.84 12.32
CA LYS C 51 10.87 -18.53 12.79
C LYS C 51 11.56 -17.80 11.67
N ILE C 52 11.11 -16.59 11.38
CA ILE C 52 11.71 -15.79 10.31
C ILE C 52 12.22 -14.45 10.82
N ASP C 53 13.51 -14.22 10.60
CA ASP C 53 14.17 -12.98 11.00
C ASP C 53 13.84 -11.90 9.96
N LEU C 54 13.10 -10.87 10.35
CA LEU C 54 12.72 -9.79 9.44
C LEU C 54 13.87 -8.85 9.10
N LYS C 55 14.99 -9.03 9.78
CA LYS C 55 16.19 -8.21 9.58
C LYS C 55 15.96 -6.71 9.61
N ARG C 56 15.17 -6.26 10.57
CA ARG C 56 14.86 -4.84 10.79
C ARG C 56 13.95 -4.18 9.74
N LYS C 57 13.39 -5.00 8.86
CA LYS C 57 12.50 -4.49 7.84
C LYS C 57 11.18 -4.09 8.45
N ARG C 58 10.51 -3.15 7.80
CA ARG C 58 9.18 -2.74 8.22
C ARG C 58 8.26 -3.80 7.62
N ALA C 59 7.49 -4.49 8.47
CA ALA C 59 6.60 -5.55 8.00
C ALA C 59 5.17 -5.04 7.94
N ILE C 60 4.56 -5.17 6.77
CA ILE C 60 3.21 -4.69 6.52
C ILE C 60 2.30 -5.81 6.05
N PRO C 61 1.10 -5.92 6.65
CA PRO C 61 0.18 -6.98 6.21
C PRO C 61 -0.07 -6.83 4.72
N GLY C 62 -0.20 -7.95 4.01
CA GLY C 62 -0.46 -7.89 2.59
C GLY C 62 -1.84 -7.32 2.39
N LEU C 63 -2.02 -6.55 1.32
CA LEU C 63 -3.31 -5.97 1.02
C LEU C 63 -4.24 -7.10 0.57
N ASN C 64 -5.27 -7.40 1.35
CA ASN C 64 -6.18 -8.47 0.95
C ASN C 64 -7.63 -8.01 0.99
N ASP C 65 -8.14 -7.71 -0.20
CA ASP C 65 -9.50 -7.23 -0.38
C ASP C 65 -9.99 -7.95 -1.63
N SER C 66 -11.25 -8.37 -1.62
CA SER C 66 -11.84 -9.09 -2.73
C SER C 66 -11.81 -8.31 -4.05
N HIS C 67 -11.73 -6.99 -3.96
CA HIS C 67 -11.73 -6.14 -5.14
C HIS C 67 -10.34 -5.77 -5.66
N ILE C 68 -9.30 -6.26 -5.00
CA ILE C 68 -7.94 -5.93 -5.38
C ILE C 68 -7.06 -7.14 -5.67
N HIS C 69 -6.31 -7.06 -6.75
CA HIS C 69 -5.38 -8.12 -7.07
C HIS C 69 -4.01 -7.48 -6.96
N VAL C 70 -3.19 -8.00 -6.05
CA VAL C 70 -1.84 -7.47 -5.87
C VAL C 70 -0.91 -8.22 -6.79
N ILE C 71 -0.29 -7.50 -7.72
CA ILE C 71 0.64 -8.12 -8.66
C ILE C 71 1.92 -8.45 -7.91
N ARG C 72 2.28 -9.73 -7.91
CA ARG C 72 3.48 -10.19 -7.22
C ARG C 72 4.61 -10.51 -8.20
N GLY C 73 4.27 -10.64 -9.47
CA GLY C 73 5.26 -10.99 -10.47
C GLY C 73 6.33 -9.98 -10.86
N LEU C 74 6.29 -8.77 -10.30
CA LEU C 74 7.28 -7.76 -10.67
C LEU C 74 8.54 -7.81 -9.83
N MET D 1 2.12 22.05 -22.35
CA MET D 1 2.21 21.71 -20.91
C MET D 1 1.83 22.89 -20.01
N ASN D 2 0.81 22.67 -19.19
CA ASN D 2 0.31 23.68 -18.25
C ASN D 2 1.18 23.75 -17.00
N VAL D 3 1.06 24.84 -16.25
CA VAL D 3 1.82 24.97 -15.02
C VAL D 3 1.29 23.88 -14.10
N PRO D 4 2.16 22.95 -13.68
CA PRO D 4 1.71 21.86 -12.80
C PRO D 4 1.52 22.31 -11.35
N ASP D 5 0.66 21.60 -10.63
CA ASP D 5 0.42 21.90 -9.22
C ASP D 5 1.54 21.36 -8.38
N MET D 6 2.16 20.30 -8.85
CA MET D 6 3.23 19.67 -8.10
C MET D 6 4.21 18.91 -8.98
N ILE D 7 5.48 18.96 -8.59
CA ILE D 7 6.50 18.20 -9.32
C ILE D 7 7.39 17.49 -8.32
N LEU D 8 7.45 16.17 -8.44
CA LEU D 8 8.31 15.35 -7.60
C LEU D 8 9.42 14.93 -8.54
N TYR D 9 10.66 15.17 -8.13
CA TYR D 9 11.80 14.86 -8.99
C TYR D 9 12.93 14.25 -8.18
N ASN D 10 13.98 13.82 -8.88
CA ASN D 10 15.15 13.20 -8.26
C ASN D 10 14.81 11.94 -7.45
N GLY D 11 13.92 11.12 -7.99
CA GLY D 11 13.54 9.91 -7.29
C GLY D 11 13.59 8.70 -8.19
N LYS D 12 12.94 7.63 -7.78
CA LYS D 12 12.87 6.39 -8.54
C LYS D 12 11.38 6.08 -8.63
N ILE D 13 10.80 6.23 -9.80
CA ILE D 13 9.37 6.03 -9.96
C ILE D 13 9.01 5.01 -11.03
N THR D 14 8.40 3.91 -10.61
CA THR D 14 7.98 2.87 -11.55
C THR D 14 6.71 3.41 -12.20
N THR D 15 6.61 3.31 -13.52
CA THR D 15 5.45 3.86 -14.20
C THR D 15 4.42 2.90 -14.79
N LEU D 16 4.87 1.69 -15.09
CA LEU D 16 4.04 0.67 -15.73
C LEU D 16 3.81 1.11 -17.17
N ASP D 17 4.76 1.86 -17.70
CA ASP D 17 4.74 2.33 -19.08
C ASP D 17 5.91 1.61 -19.74
N PRO D 18 5.62 0.64 -20.62
CA PRO D 18 6.67 -0.11 -21.30
C PRO D 18 7.75 0.77 -21.93
N SER D 19 7.35 1.94 -22.42
CA SER D 19 8.28 2.88 -23.05
C SER D 19 9.38 3.29 -22.08
N GLN D 20 8.97 3.76 -20.91
CA GLN D 20 9.92 4.18 -19.87
C GLN D 20 9.40 3.69 -18.53
N PRO D 21 9.75 2.45 -18.17
CA PRO D 21 9.34 1.79 -16.93
C PRO D 21 9.80 2.46 -15.66
N GLU D 22 10.82 3.31 -15.77
CA GLU D 22 11.34 4.01 -14.60
C GLU D 22 11.76 5.44 -14.92
N VAL D 23 11.21 6.39 -14.16
CA VAL D 23 11.53 7.80 -14.32
C VAL D 23 11.95 8.35 -12.96
N SER D 24 12.52 9.55 -12.95
CA SER D 24 12.94 10.14 -11.69
C SER D 24 12.04 11.29 -11.32
N ALA D 25 11.15 11.69 -12.23
CA ALA D 25 10.25 12.80 -11.96
C ALA D 25 8.86 12.68 -12.56
N ILE D 26 7.90 13.34 -11.93
CA ILE D 26 6.52 13.33 -12.38
C ILE D 26 5.87 14.67 -12.04
N ALA D 27 4.98 15.13 -12.92
CA ALA D 27 4.26 16.40 -12.73
C ALA D 27 2.79 16.07 -12.56
N ILE D 28 2.13 16.79 -11.66
CA ILE D 28 0.71 16.57 -11.39
C ILE D 28 -0.04 17.89 -11.44
N THR D 29 -1.15 17.88 -12.17
CA THR D 29 -2.01 19.04 -12.34
C THR D 29 -3.47 18.60 -12.19
N ASP D 30 -4.17 19.15 -11.20
CA ASP D 30 -5.56 18.78 -10.97
C ASP D 30 -5.73 17.28 -10.75
N GLY D 31 -4.87 16.70 -9.92
CA GLY D 31 -4.97 15.28 -9.63
C GLY D 31 -4.59 14.32 -10.75
N LEU D 32 -4.14 14.86 -11.88
CA LEU D 32 -3.77 14.01 -13.00
C LEU D 32 -2.27 14.12 -13.32
N ILE D 33 -1.68 13.02 -13.79
CA ILE D 33 -0.27 13.03 -14.16
C ILE D 33 -0.20 13.68 -15.54
N THR D 34 0.48 14.82 -15.63
CA THR D 34 0.60 15.52 -16.89
C THR D 34 1.93 15.27 -17.59
N ALA D 35 2.93 14.79 -16.85
CA ALA D 35 4.22 14.49 -17.43
C ALA D 35 5.07 13.60 -16.52
N VAL D 36 5.93 12.79 -17.12
CA VAL D 36 6.83 11.93 -16.37
C VAL D 36 8.16 12.11 -17.07
N GLY D 37 9.25 12.00 -16.33
CA GLY D 37 10.56 12.14 -16.94
C GLY D 37 11.64 12.44 -15.92
N GLY D 38 12.48 13.44 -16.22
CA GLY D 38 13.56 13.79 -15.29
C GLY D 38 13.56 15.23 -14.83
N ASP D 39 14.73 15.75 -14.48
CA ASP D 39 14.85 17.13 -14.02
C ASP D 39 14.29 18.16 -15.02
N GLU D 40 14.23 17.80 -16.30
CA GLU D 40 13.72 18.73 -17.30
C GLU D 40 12.26 19.13 -17.05
N LEU D 41 11.54 18.35 -16.27
CA LEU D 41 10.14 18.68 -15.97
C LEU D 41 10.08 20.01 -15.20
N LEU D 42 11.15 20.32 -14.49
CA LEU D 42 11.21 21.57 -13.71
C LEU D 42 11.10 22.83 -14.57
N ASN D 43 11.29 22.69 -15.89
CA ASN D 43 11.19 23.82 -16.81
C ASN D 43 9.76 24.34 -16.86
N SER D 44 8.80 23.49 -16.48
CA SER D 44 7.38 23.85 -16.50
C SER D 44 6.88 24.51 -15.23
N ALA D 45 7.72 24.52 -14.19
CA ALA D 45 7.31 25.10 -12.91
C ALA D 45 7.37 26.63 -12.85
N THR D 46 6.45 27.19 -12.06
CA THR D 46 6.40 28.63 -11.83
C THR D 46 6.35 28.78 -10.32
N GLU D 47 6.12 29.99 -9.84
CA GLU D 47 6.07 30.23 -8.40
C GLU D 47 4.96 29.44 -7.72
N LYS D 48 3.91 29.09 -8.45
CA LYS D 48 2.80 28.36 -7.87
C LYS D 48 2.99 26.84 -7.77
N THR D 49 3.99 26.31 -8.46
CA THR D 49 4.26 24.87 -8.44
C THR D 49 4.98 24.42 -7.18
N LYS D 50 4.45 23.37 -6.54
CA LYS D 50 5.11 22.84 -5.34
C LYS D 50 6.12 21.81 -5.82
N LYS D 51 7.31 21.82 -5.26
CA LYS D 51 8.35 20.89 -5.67
C LYS D 51 8.82 19.98 -4.54
N ILE D 52 8.99 18.70 -4.85
CA ILE D 52 9.47 17.77 -3.85
C ILE D 52 10.68 17.01 -4.32
N ASP D 53 11.80 17.25 -3.66
CA ASP D 53 13.05 16.57 -3.99
C ASP D 53 12.94 15.23 -3.27
N LEU D 54 12.66 14.18 -4.02
CA LEU D 54 12.51 12.84 -3.46
C LEU D 54 13.79 12.31 -2.83
N LYS D 55 14.89 12.99 -3.09
CA LYS D 55 16.21 12.62 -2.56
C LYS D 55 16.56 11.17 -2.85
N ARG D 56 16.42 10.80 -4.13
CA ARG D 56 16.73 9.46 -4.63
C ARG D 56 15.85 8.33 -4.11
N LYS D 57 14.85 8.67 -3.30
CA LYS D 57 13.95 7.65 -2.76
C LYS D 57 13.00 7.11 -3.82
N ARG D 58 12.46 5.92 -3.57
CA ARG D 58 11.51 5.34 -4.52
C ARG D 58 10.16 5.99 -4.20
N ALA D 59 9.35 6.21 -5.24
CA ALA D 59 8.04 6.80 -5.06
C ALA D 59 6.97 5.95 -5.75
N ILE D 60 5.85 5.73 -5.09
CA ILE D 60 4.78 4.94 -5.69
C ILE D 60 3.44 5.60 -5.45
N PRO D 61 2.49 5.37 -6.36
CA PRO D 61 1.15 5.96 -6.23
C PRO D 61 0.47 5.50 -4.94
N GLY D 62 -0.22 6.41 -4.26
CA GLY D 62 -0.91 6.01 -3.06
C GLY D 62 -2.02 5.06 -3.44
N LEU D 63 -2.34 4.10 -2.56
CA LEU D 63 -3.39 3.14 -2.86
C LEU D 63 -4.64 3.95 -3.19
N ASN D 64 -5.24 3.71 -4.34
CA ASN D 64 -6.41 4.46 -4.75
C ASN D 64 -7.48 3.54 -5.32
N ASP D 65 -8.38 3.12 -4.44
CA ASP D 65 -9.47 2.24 -4.84
C ASP D 65 -10.75 2.69 -4.15
N SER D 66 -11.88 2.55 -4.84
CA SER D 66 -13.17 2.97 -4.29
C SER D 66 -13.65 2.13 -3.11
N HIS D 67 -13.03 0.97 -2.88
CA HIS D 67 -13.46 0.11 -1.77
C HIS D 67 -12.59 0.23 -0.52
N ILE D 68 -11.52 1.01 -0.59
CA ILE D 68 -10.68 1.14 0.60
C ILE D 68 -10.27 2.56 0.92
N HIS D 69 -10.24 2.86 2.21
CA HIS D 69 -9.85 4.18 2.69
C HIS D 69 -8.45 4.06 3.26
N VAL D 70 -7.54 4.89 2.78
CA VAL D 70 -6.18 4.87 3.27
C VAL D 70 -6.04 5.83 4.44
N ILE D 71 -5.82 5.29 5.63
CA ILE D 71 -5.68 6.11 6.82
C ILE D 71 -4.41 6.95 6.75
N ARG D 72 -4.56 8.27 6.74
CA ARG D 72 -3.44 9.19 6.68
C ARG D 72 -3.25 9.86 8.05
N GLY D 73 -2.06 10.40 8.29
CA GLY D 73 -1.81 11.08 9.55
C GLY D 73 -1.12 10.29 10.64
N LEU D 74 -0.91 9.00 10.43
CA LEU D 74 -0.25 8.18 11.44
C LEU D 74 1.24 8.47 11.54
N GLU D 75 1.71 8.66 12.77
CA GLU D 75 3.10 8.98 13.08
C GLU D 75 3.56 10.24 12.36
#